data_5R65
#
_entry.id   5R65
#
_cell.length_a   59.630
_cell.length_b   59.630
_cell.length_c   215.040
_cell.angle_alpha   90.000
_cell.angle_beta   90.000
_cell.angle_gamma   120.000
#
_symmetry.space_group_name_H-M   'P 32 2 1'
#
loop_
_entity.id
_entity.type
_entity.pdbx_description
1 polymer 'Cleavage and polyadenylation specificity factor subunit 5'
2 non-polymer 'ZINC ION'
3 non-polymer 'ACETATE ION'
4 non-polymer 'methyl N-(5-methyl-1,2-oxazole-3-carbonyl)glycinate'
5 water water
#
_entity_poly.entity_id   1
_entity_poly.type   'polypeptide(L)'
_entity_poly.pdbx_seq_one_letter_code
;SMLERTINLYPLTNYTFGTKEPLYEKDSSVAARFQRMREEFDKIGMRRTVEGVLIVHEHRLPHVLLLQLGTTFFKLPGGE
LNPGEDEVEGLKRLMTEILGRQDGVLQDWVIDDCIGNWWRPNFEPPQYPYIPAHITKPKEHKKLFLVQLQEKALFAVPKN
YKLVAAPLFELYDNAPGYGPIISSLPQLLSRFNFIYN
;
_entity_poly.pdbx_strand_id   A,B
#
loop_
_chem_comp.id
_chem_comp.type
_chem_comp.name
_chem_comp.formula
ACT non-polymer 'ACETATE ION' 'C2 H3 O2 -1'
K0Y non-polymer 'methyl N-(5-methyl-1,2-oxazole-3-carbonyl)glycinate' 'C8 H10 N2 O4'
ZN non-polymer 'ZINC ION' 'Zn 2'
#
# COMPACT_ATOMS: atom_id res chain seq x y z
N SER A 1 24.82 -26.62 -31.68
CA SER A 1 23.54 -26.67 -32.48
C SER A 1 22.32 -26.54 -31.56
N MET A 2 22.45 -26.98 -30.31
CA MET A 2 21.45 -26.78 -29.23
C MET A 2 21.86 -25.57 -28.37
N LEU A 3 21.52 -24.35 -28.81
CA LEU A 3 21.79 -23.04 -28.14
C LEU A 3 20.55 -22.56 -27.37
N GLU A 4 19.44 -23.29 -27.49
CA GLU A 4 18.13 -22.92 -26.89
C GLU A 4 18.10 -23.29 -25.40
N ARG A 5 17.51 -22.41 -24.61
CA ARG A 5 17.21 -22.65 -23.18
C ARG A 5 16.09 -23.67 -23.07
N THR A 6 16.24 -24.61 -22.13
CA THR A 6 15.26 -25.71 -21.90
C THR A 6 14.39 -25.39 -20.67
N ILE A 7 13.07 -25.46 -20.82
CA ILE A 7 12.06 -25.06 -19.80
C ILE A 7 11.03 -26.18 -19.57
N ASN A 8 10.83 -26.54 -18.30
CA ASN A 8 9.82 -27.53 -17.85
C ASN A 8 8.45 -26.85 -17.69
N LEU A 9 7.48 -27.33 -18.45
CA LEU A 9 6.05 -26.94 -18.34
C LEU A 9 5.32 -28.12 -17.72
N TYR A 10 4.28 -27.84 -16.91
CA TYR A 10 3.44 -28.90 -16.30
C TYR A 10 2.00 -28.68 -16.74
N PRO A 11 1.14 -29.71 -16.57
CA PRO A 11 -0.30 -29.58 -16.75
C PRO A 11 -0.96 -28.51 -15.86
N LEU A 12 -1.91 -27.75 -16.42
CA LEU A 12 -2.74 -26.71 -15.73
C LEU A 12 -3.51 -27.32 -14.55
N THR A 13 -4.00 -28.55 -14.74
CA THR A 13 -4.62 -29.44 -13.73
C THR A 13 -3.64 -29.84 -12.61
N ASN A 14 -2.35 -29.57 -12.72
CA ASN A 14 -1.39 -29.72 -11.60
C ASN A 14 -1.49 -28.53 -10.60
N TYR A 15 -2.11 -27.41 -10.94
CA TYR A 15 -2.06 -26.19 -10.07
C TYR A 15 -3.45 -25.98 -9.46
N THR A 16 -3.51 -25.55 -8.20
CA THR A 16 -4.75 -25.16 -7.51
C THR A 16 -4.89 -23.62 -7.46
N PHE A 17 -6.05 -23.10 -7.85
CA PHE A 17 -6.41 -21.66 -7.86
C PHE A 17 -7.43 -21.38 -6.74
N GLY A 18 -6.94 -21.03 -5.56
CA GLY A 18 -7.78 -20.57 -4.45
C GLY A 18 -7.94 -19.07 -4.52
N THR A 19 -8.43 -18.44 -3.44
CA THR A 19 -8.87 -17.03 -3.38
C THR A 19 -8.35 -16.36 -2.11
N LYS A 20 -8.24 -15.02 -2.08
CA LYS A 20 -7.96 -14.22 -0.86
C LYS A 20 -8.58 -12.85 -1.04
N GLU A 21 -8.28 -11.91 -0.11
CA GLU A 21 -8.93 -10.57 -0.02
C GLU A 21 -8.71 -9.81 -1.34
N PRO A 22 -9.60 -8.88 -1.76
CA PRO A 22 -9.33 -8.12 -2.97
C PRO A 22 -8.03 -7.33 -2.78
N LEU A 23 -7.39 -7.05 -3.89
CA LEU A 23 -6.20 -6.16 -3.97
C LEU A 23 -6.57 -5.01 -4.94
N TYR A 24 -6.68 -3.79 -4.43
CA TYR A 24 -7.09 -2.60 -5.23
C TYR A 24 -5.85 -1.90 -5.77
N GLU A 25 -5.99 -1.28 -6.94
CA GLU A 25 -4.94 -0.50 -7.65
C GLU A 25 -4.62 0.77 -6.86
N LYS A 26 -3.40 1.30 -6.99
CA LYS A 26 -2.98 2.57 -6.34
C LYS A 26 -3.71 3.76 -6.98
N ASP A 27 -4.28 3.58 -8.17
CA ASP A 27 -4.78 4.69 -9.00
C ASP A 27 -6.24 4.41 -9.36
N SER A 28 -7.14 5.35 -9.05
CA SER A 28 -8.60 5.11 -9.22
C SER A 28 -9.05 5.43 -10.66
N SER A 29 -8.14 5.95 -11.51
CA SER A 29 -8.38 6.22 -12.96
C SER A 29 -7.05 6.46 -13.70
N VAL A 30 -7.10 6.36 -15.03
CA VAL A 30 -5.98 6.65 -15.97
C VAL A 30 -5.41 8.05 -15.66
N ALA A 31 -6.25 9.05 -15.49
CA ALA A 31 -5.85 10.44 -15.20
C ALA A 31 -5.10 10.46 -13.86
N ALA A 32 -5.65 9.86 -12.79
CA ALA A 32 -4.91 9.73 -11.51
C ALA A 32 -3.53 9.08 -11.78
N ARG A 33 -3.50 8.06 -12.66
CA ARG A 33 -2.32 7.20 -12.92
C ARG A 33 -1.15 8.03 -13.44
N PHE A 34 -1.39 8.78 -14.50
CA PHE A 34 -0.34 9.62 -15.12
C PHE A 34 0.00 10.81 -14.18
N GLN A 35 -0.92 11.25 -13.32
CA GLN A 35 -0.64 12.34 -12.34
C GLN A 35 0.38 11.80 -11.32
N ARG A 36 0.09 10.64 -10.73
CA ARG A 36 1.04 10.07 -9.74
C ARG A 36 2.37 9.74 -10.45
N MET A 37 2.36 9.43 -11.74
CA MET A 37 3.61 9.15 -12.50
C MET A 37 4.47 10.43 -12.65
N ARG A 38 3.83 11.59 -12.83
N ARG A 38 3.82 11.59 -12.83
CA ARG A 38 4.48 12.92 -12.92
CA ARG A 38 4.47 12.92 -12.92
C ARG A 38 5.11 13.30 -11.57
C ARG A 38 5.11 13.30 -11.57
N GLU A 39 4.32 13.18 -10.49
CA GLU A 39 4.76 13.52 -9.10
C GLU A 39 6.00 12.71 -8.72
N GLU A 40 5.92 11.39 -8.84
CA GLU A 40 7.02 10.47 -8.48
C GLU A 40 8.22 10.75 -9.39
N PHE A 41 8.04 11.02 -10.69
CA PHE A 41 9.20 11.28 -11.59
C PHE A 41 10.01 12.46 -11.06
N ASP A 42 9.35 13.58 -10.79
CA ASP A 42 10.01 14.84 -10.34
C ASP A 42 10.79 14.59 -9.03
N LYS A 43 10.36 13.62 -8.21
CA LYS A 43 10.92 13.33 -6.85
C LYS A 43 12.03 12.26 -6.94
N ILE A 44 11.82 11.14 -7.64
CA ILE A 44 12.76 9.95 -7.63
C ILE A 44 13.11 9.48 -9.05
N GLY A 45 12.58 10.11 -10.10
CA GLY A 45 12.99 9.81 -11.49
C GLY A 45 12.21 8.66 -12.13
N MET A 46 12.80 8.02 -13.13
CA MET A 46 12.10 7.03 -14.01
C MET A 46 11.39 5.96 -13.14
N ARG A 47 10.13 5.69 -13.40
CA ARG A 47 9.47 4.51 -12.81
C ARG A 47 10.15 3.20 -13.30
N ARG A 48 10.45 2.26 -12.39
CA ARG A 48 11.00 0.93 -12.77
C ARG A 48 9.94 -0.14 -12.41
N THR A 49 9.46 -0.87 -13.41
N THR A 49 9.47 -0.88 -13.43
CA THR A 49 8.39 -1.90 -13.24
CA THR A 49 8.39 -1.89 -13.32
C THR A 49 8.92 -3.26 -13.70
C THR A 49 8.96 -3.26 -13.69
N VAL A 50 8.48 -4.34 -13.04
CA VAL A 50 8.88 -5.74 -13.35
C VAL A 50 7.60 -6.55 -13.51
N GLU A 51 7.63 -7.51 -14.42
CA GLU A 51 6.45 -8.36 -14.78
C GLU A 51 6.92 -9.77 -15.04
N GLY A 52 6.17 -10.74 -14.58
CA GLY A 52 6.55 -12.16 -14.70
C GLY A 52 5.66 -12.89 -15.68
N VAL A 53 6.26 -13.70 -16.54
CA VAL A 53 5.55 -14.62 -17.47
C VAL A 53 5.56 -16.03 -16.90
N LEU A 54 4.39 -16.50 -16.48
CA LEU A 54 4.22 -17.88 -15.95
C LEU A 54 3.53 -18.73 -17.02
N ILE A 55 4.05 -19.92 -17.29
CA ILE A 55 3.56 -20.76 -18.42
C ILE A 55 3.23 -22.15 -17.91
N VAL A 56 2.18 -22.73 -18.48
CA VAL A 56 1.74 -24.13 -18.23
C VAL A 56 1.41 -24.76 -19.58
N HIS A 57 0.99 -26.03 -19.60
CA HIS A 57 0.27 -26.57 -20.79
C HIS A 57 -1.03 -27.33 -20.44
N GLU A 58 -1.88 -27.52 -21.45
N GLU A 58 -1.89 -27.55 -21.43
CA GLU A 58 -2.98 -28.53 -21.51
CA GLU A 58 -2.87 -28.66 -21.36
C GLU A 58 -2.77 -29.38 -22.78
C GLU A 58 -2.85 -29.39 -22.71
N HIS A 59 -2.62 -30.70 -22.64
CA HIS A 59 -2.47 -31.63 -23.80
C HIS A 59 -1.39 -31.07 -24.75
N ARG A 60 -0.25 -30.63 -24.17
CA ARG A 60 1.00 -30.29 -24.90
C ARG A 60 0.87 -28.94 -25.62
N LEU A 61 -0.12 -28.10 -25.28
CA LEU A 61 -0.24 -26.71 -25.80
C LEU A 61 0.09 -25.69 -24.72
N PRO A 62 1.13 -24.86 -24.92
CA PRO A 62 1.53 -23.88 -23.90
C PRO A 62 0.47 -22.78 -23.80
N HIS A 63 0.23 -22.36 -22.56
CA HIS A 63 -0.69 -21.23 -22.23
C HIS A 63 0.06 -20.26 -21.34
N VAL A 64 -0.25 -18.98 -21.39
CA VAL A 64 0.30 -17.97 -20.43
C VAL A 64 -0.77 -17.68 -19.35
N LEU A 65 -0.35 -17.60 -18.08
CA LEU A 65 -1.26 -17.20 -16.98
C LEU A 65 -1.40 -15.69 -17.05
N LEU A 66 -2.62 -15.21 -17.23
CA LEU A 66 -2.92 -13.76 -17.22
C LEU A 66 -3.86 -13.49 -16.05
N LEU A 67 -3.68 -12.31 -15.46
CA LEU A 67 -4.58 -11.73 -14.44
C LEU A 67 -5.61 -10.83 -15.12
N GLN A 68 -6.90 -11.14 -14.93
CA GLN A 68 -8.03 -10.35 -15.46
C GLN A 68 -8.66 -9.56 -14.33
N LEU A 69 -8.76 -8.25 -14.50
CA LEU A 69 -9.33 -7.32 -13.50
C LEU A 69 -10.82 -7.21 -13.83
N GLY A 70 -11.68 -7.89 -13.06
CA GLY A 70 -13.07 -8.16 -13.42
C GLY A 70 -13.18 -8.73 -14.83
N THR A 71 -13.87 -7.99 -15.71
CA THR A 71 -14.05 -8.32 -17.14
C THR A 71 -13.45 -7.15 -17.97
N THR A 72 -12.58 -6.34 -17.37
CA THR A 72 -11.91 -5.20 -18.05
C THR A 72 -10.55 -5.71 -18.57
N PHE A 73 -9.44 -5.29 -17.97
CA PHE A 73 -8.08 -5.35 -18.59
C PHE A 73 -7.39 -6.63 -18.15
N PHE A 74 -6.46 -7.11 -19.00
CA PHE A 74 -5.56 -8.25 -18.71
C PHE A 74 -4.20 -7.69 -18.32
N LYS A 75 -3.56 -8.32 -17.33
CA LYS A 75 -2.25 -7.90 -16.77
C LYS A 75 -1.35 -9.11 -16.57
N LEU A 76 -0.04 -8.89 -16.59
CA LEU A 76 0.96 -9.86 -16.08
C LEU A 76 1.18 -9.52 -14.61
N PRO A 77 1.29 -10.53 -13.74
CA PRO A 77 1.69 -10.27 -12.37
C PRO A 77 3.07 -9.59 -12.30
N GLY A 78 3.09 -8.46 -11.61
CA GLY A 78 4.32 -7.68 -11.31
C GLY A 78 3.96 -6.35 -10.70
N GLY A 79 4.85 -5.38 -10.75
CA GLY A 79 4.55 -4.06 -10.15
C GLY A 79 5.76 -3.15 -10.14
N GLU A 80 5.69 -2.07 -9.34
CA GLU A 80 6.70 -1.00 -9.27
C GLU A 80 7.74 -1.37 -8.21
N LEU A 81 9.01 -1.20 -8.60
CA LEU A 81 10.16 -1.29 -7.68
C LEU A 81 10.23 0.00 -6.84
N ASN A 82 10.62 -0.15 -5.58
CA ASN A 82 11.13 0.91 -4.68
C ASN A 82 12.52 1.32 -5.14
N PRO A 83 12.96 2.57 -4.84
CA PRO A 83 14.33 3.02 -5.14
C PRO A 83 15.48 2.19 -4.54
N GLY A 84 16.47 1.84 -5.35
CA GLY A 84 17.54 0.94 -4.91
C GLY A 84 17.07 -0.50 -4.75
N GLU A 85 15.86 -0.88 -5.08
CA GLU A 85 15.44 -2.32 -4.98
C GLU A 85 15.92 -3.13 -6.19
N ASP A 86 16.61 -4.23 -5.95
CA ASP A 86 16.91 -5.32 -6.93
C ASP A 86 15.67 -5.75 -7.73
N GLU A 87 15.84 -5.84 -9.05
CA GLU A 87 14.78 -6.28 -10.00
C GLU A 87 14.20 -7.66 -9.63
N VAL A 88 15.05 -8.67 -9.48
CA VAL A 88 14.64 -10.09 -9.30
C VAL A 88 14.02 -10.21 -7.91
N GLU A 89 14.67 -9.67 -6.87
CA GLU A 89 14.11 -9.71 -5.50
C GLU A 89 12.76 -8.97 -5.52
N GLY A 90 12.67 -7.86 -6.24
CA GLY A 90 11.41 -7.08 -6.35
C GLY A 90 10.29 -7.90 -6.97
N LEU A 91 10.53 -8.53 -8.13
CA LEU A 91 9.49 -9.34 -8.83
C LEU A 91 9.06 -10.51 -7.92
N LYS A 92 9.96 -11.12 -7.18
CA LYS A 92 9.57 -12.21 -6.23
C LYS A 92 8.62 -11.67 -5.15
N ARG A 93 9.01 -10.55 -4.55
CA ARG A 93 8.22 -9.83 -3.52
C ARG A 93 6.84 -9.54 -4.12
N LEU A 94 6.78 -8.88 -5.28
CA LEU A 94 5.48 -8.45 -5.89
C LEU A 94 4.60 -9.68 -6.16
N MET A 95 5.22 -10.81 -6.51
CA MET A 95 4.45 -12.02 -6.86
C MET A 95 4.05 -12.79 -5.60
N THR A 96 4.81 -12.67 -4.51
CA THR A 96 4.33 -13.19 -3.20
C THR A 96 3.12 -12.34 -2.78
N GLU A 97 3.15 -11.01 -2.94
CA GLU A 97 2.00 -10.17 -2.53
C GLU A 97 0.73 -10.55 -3.32
N ILE A 98 0.86 -10.73 -4.64
CA ILE A 98 -0.33 -10.97 -5.52
C ILE A 98 -0.87 -12.39 -5.34
N LEU A 99 -0.03 -13.42 -5.43
CA LEU A 99 -0.50 -14.83 -5.56
C LEU A 99 -0.08 -15.71 -4.38
N GLY A 100 0.69 -15.18 -3.42
CA GLY A 100 1.17 -15.88 -2.22
C GLY A 100 0.01 -16.31 -1.32
N ARG A 101 0.23 -17.32 -0.48
CA ARG A 101 -0.85 -18.15 0.13
C ARG A 101 -1.38 -17.56 1.46
N GLN A 102 -2.69 -17.68 1.70
CA GLN A 102 -3.35 -17.27 2.97
C GLN A 102 -2.64 -17.87 4.19
N ASP A 103 -2.13 -19.11 4.06
CA ASP A 103 -1.61 -19.98 5.17
C ASP A 103 -0.12 -19.73 5.43
N GLY A 104 0.49 -18.76 4.75
CA GLY A 104 1.91 -18.37 4.96
C GLY A 104 2.86 -19.52 4.71
N VAL A 105 2.80 -20.07 3.50
CA VAL A 105 3.72 -21.16 3.05
C VAL A 105 4.49 -20.55 1.88
N LEU A 106 5.81 -20.55 1.98
CA LEU A 106 6.67 -19.87 0.98
C LEU A 106 6.60 -20.52 -0.41
N GLN A 107 6.29 -19.70 -1.39
CA GLN A 107 6.33 -20.13 -2.80
C GLN A 107 7.82 -20.11 -3.17
N ASP A 108 8.23 -20.97 -4.09
CA ASP A 108 9.66 -20.98 -4.47
C ASP A 108 9.74 -20.46 -5.89
N TRP A 109 9.97 -19.16 -6.06
CA TRP A 109 10.02 -18.56 -7.43
C TRP A 109 11.39 -18.77 -8.08
N VAL A 110 11.43 -19.31 -9.28
CA VAL A 110 12.73 -19.47 -10.01
C VAL A 110 12.71 -18.52 -11.21
N ILE A 111 13.61 -17.54 -11.18
CA ILE A 111 13.72 -16.52 -12.25
C ILE A 111 15.16 -16.49 -12.78
N ASP A 112 15.42 -16.99 -14.01
CA ASP A 112 16.79 -16.99 -14.59
C ASP A 112 16.84 -16.41 -16.02
N ASP A 113 15.75 -15.89 -16.58
CA ASP A 113 15.73 -15.41 -17.99
C ASP A 113 15.00 -14.07 -18.11
N CYS A 114 15.65 -13.11 -18.76
CA CYS A 114 15.05 -11.88 -19.27
C CYS A 114 14.40 -12.25 -20.60
N ILE A 115 13.16 -11.82 -20.83
N ILE A 115 13.17 -11.81 -20.83
CA ILE A 115 12.51 -12.07 -22.15
CA ILE A 115 12.50 -12.07 -22.13
C ILE A 115 12.26 -10.76 -22.89
C ILE A 115 12.31 -10.75 -22.90
N GLY A 116 12.27 -9.59 -22.22
CA GLY A 116 12.17 -8.29 -22.91
C GLY A 116 12.35 -7.01 -22.07
N ASN A 117 12.33 -5.86 -22.76
CA ASN A 117 12.39 -4.51 -22.14
C ASN A 117 11.44 -3.56 -22.91
N TRP A 118 10.61 -2.78 -22.18
CA TRP A 118 9.78 -1.73 -22.81
C TRP A 118 9.97 -0.38 -22.10
N TRP A 119 9.81 0.70 -22.86
CA TRP A 119 10.10 2.09 -22.42
C TRP A 119 8.89 2.96 -22.74
N ARG A 120 8.51 3.85 -21.82
CA ARG A 120 7.43 4.86 -22.00
C ARG A 120 8.06 6.23 -22.07
N PRO A 121 8.09 6.88 -23.25
CA PRO A 121 8.81 8.14 -23.41
C PRO A 121 8.13 9.34 -22.73
N ASN A 122 6.79 9.34 -22.66
CA ASN A 122 6.03 10.49 -22.10
C ASN A 122 5.09 9.98 -21.00
N PHE A 123 4.38 10.91 -20.34
CA PHE A 123 3.29 10.60 -19.40
C PHE A 123 2.05 10.27 -20.22
N GLU A 124 2.13 9.22 -21.03
CA GLU A 124 1.05 8.78 -21.95
C GLU A 124 1.13 7.27 -22.17
N PRO A 125 0.06 6.67 -22.74
CA PRO A 125 0.02 5.24 -23.01
C PRO A 125 1.11 4.62 -23.88
N PRO A 126 1.59 5.28 -24.98
CA PRO A 126 2.51 4.62 -25.89
C PRO A 126 3.81 4.13 -25.23
N GLN A 127 4.19 2.88 -25.55
CA GLN A 127 5.42 2.19 -25.08
C GLN A 127 6.07 1.47 -26.27
N TYR A 128 7.41 1.34 -26.25
CA TYR A 128 8.25 0.77 -27.34
C TYR A 128 9.30 -0.19 -26.80
N PRO A 129 9.66 -1.23 -27.58
CA PRO A 129 10.70 -2.18 -27.20
C PRO A 129 12.15 -1.71 -27.38
N TYR A 130 12.37 -0.39 -27.36
CA TYR A 130 13.63 0.35 -27.60
C TYR A 130 13.42 1.75 -27.02
N ILE A 131 14.47 2.56 -26.88
CA ILE A 131 14.34 4.02 -26.56
C ILE A 131 14.24 4.80 -27.87
N PRO A 132 13.09 5.46 -28.14
CA PRO A 132 12.94 6.30 -29.32
C PRO A 132 14.00 7.42 -29.50
N ALA A 133 14.33 7.69 -30.76
CA ALA A 133 15.05 8.89 -31.22
C ALA A 133 14.64 10.10 -30.37
N HIS A 134 15.62 10.76 -29.76
CA HIS A 134 15.48 12.13 -29.19
C HIS A 134 15.11 12.05 -27.68
N ILE A 135 14.85 10.87 -27.13
CA ILE A 135 14.35 10.71 -25.72
C ILE A 135 15.51 10.38 -24.76
N THR A 136 15.86 11.35 -23.91
CA THR A 136 16.95 11.30 -22.92
C THR A 136 16.41 10.90 -21.54
N LYS A 137 15.18 11.31 -21.20
CA LYS A 137 14.51 11.07 -19.89
C LYS A 137 13.18 10.34 -20.11
N PRO A 138 13.20 9.03 -20.45
CA PRO A 138 11.99 8.21 -20.45
C PRO A 138 11.40 8.11 -19.04
N LYS A 139 10.07 7.99 -18.93
CA LYS A 139 9.31 8.13 -17.67
C LYS A 139 9.12 6.78 -16.98
N GLU A 140 9.14 5.66 -17.72
CA GLU A 140 9.00 4.28 -17.17
C GLU A 140 9.91 3.29 -17.92
N HIS A 141 10.58 2.41 -17.20
CA HIS A 141 11.26 1.23 -17.79
C HIS A 141 10.60 -0.06 -17.24
N LYS A 142 9.97 -0.85 -18.10
CA LYS A 142 9.36 -2.17 -17.82
C LYS A 142 10.29 -3.30 -18.28
N LYS A 143 10.58 -4.25 -17.38
N LYS A 143 10.61 -4.22 -17.36
CA LYS A 143 11.45 -5.42 -17.63
CA LYS A 143 11.45 -5.42 -17.55
C LYS A 143 10.65 -6.70 -17.40
C LYS A 143 10.56 -6.67 -17.43
N LEU A 144 10.62 -7.60 -18.39
CA LEU A 144 9.86 -8.87 -18.36
C LEU A 144 10.81 -10.06 -18.19
N PHE A 145 10.44 -10.98 -17.29
CA PHE A 145 11.20 -12.20 -16.90
C PHE A 145 10.34 -13.45 -17.09
N LEU A 146 10.96 -14.57 -17.41
CA LEU A 146 10.32 -15.89 -17.47
C LEU A 146 10.34 -16.48 -16.06
N VAL A 147 9.17 -16.93 -15.52
CA VAL A 147 9.10 -17.53 -14.13
C VAL A 147 8.89 -19.04 -14.28
N GLN A 148 9.89 -19.85 -13.93
CA GLN A 148 9.77 -21.35 -13.99
C GLN A 148 8.95 -21.80 -12.80
N LEU A 149 7.81 -22.43 -13.05
CA LEU A 149 6.97 -23.03 -11.98
C LEU A 149 7.51 -24.40 -11.54
N GLN A 150 7.19 -24.72 -10.30
CA GLN A 150 7.35 -26.05 -9.67
C GLN A 150 6.31 -27.02 -10.27
N GLU A 151 6.46 -28.33 -10.05
CA GLU A 151 5.55 -29.35 -10.62
C GLU A 151 4.11 -29.05 -10.21
N LYS A 152 3.88 -28.76 -8.93
CA LYS A 152 2.54 -28.32 -8.42
C LYS A 152 2.68 -27.09 -7.52
N ALA A 153 1.61 -26.34 -7.37
CA ALA A 153 1.52 -25.26 -6.38
C ALA A 153 0.06 -24.83 -6.20
N LEU A 154 -0.28 -24.23 -5.05
CA LEU A 154 -1.56 -23.52 -4.83
C LEU A 154 -1.25 -22.02 -4.85
N PHE A 155 -2.03 -21.28 -5.65
CA PHE A 155 -1.95 -19.82 -5.85
C PHE A 155 -3.25 -19.22 -5.31
N ALA A 156 -3.15 -18.28 -4.36
CA ALA A 156 -4.30 -17.52 -3.79
C ALA A 156 -4.45 -16.23 -4.58
N VAL A 157 -5.60 -16.12 -5.24
CA VAL A 157 -5.95 -15.11 -6.28
C VAL A 157 -6.89 -14.08 -5.68
N PRO A 158 -6.47 -12.81 -5.60
CA PRO A 158 -7.33 -11.79 -5.01
C PRO A 158 -8.70 -11.87 -5.67
N LYS A 159 -9.74 -12.00 -4.83
CA LYS A 159 -11.19 -12.04 -5.17
C LYS A 159 -11.57 -11.12 -6.36
N ASN A 160 -10.93 -9.95 -6.56
CA ASN A 160 -11.39 -8.99 -7.61
C ASN A 160 -10.83 -9.37 -9.00
N TYR A 161 -9.84 -10.24 -9.04
CA TYR A 161 -9.21 -10.76 -10.28
C TYR A 161 -9.71 -12.18 -10.55
N LYS A 162 -9.51 -12.70 -11.77
CA LYS A 162 -9.45 -14.15 -12.12
C LYS A 162 -8.14 -14.46 -12.86
N LEU A 163 -7.51 -15.57 -12.56
CA LEU A 163 -6.32 -16.12 -13.24
C LEU A 163 -6.81 -16.98 -14.41
N VAL A 164 -6.56 -16.54 -15.65
CA VAL A 164 -6.94 -17.27 -16.89
C VAL A 164 -5.69 -17.75 -17.64
N ALA A 165 -5.81 -18.89 -18.30
CA ALA A 165 -4.73 -19.49 -19.12
C ALA A 165 -5.03 -19.26 -20.60
N ALA A 166 -4.27 -18.36 -21.24
CA ALA A 166 -4.42 -17.96 -22.66
C ALA A 166 -3.45 -18.76 -23.50
N PRO A 167 -3.92 -19.48 -24.54
CA PRO A 167 -3.01 -20.15 -25.45
C PRO A 167 -2.37 -19.07 -26.35
N LEU A 168 -1.22 -19.37 -26.92
CA LEU A 168 -0.42 -18.39 -27.71
C LEU A 168 -1.23 -17.84 -28.91
N PHE A 169 -1.85 -18.72 -29.71
CA PHE A 169 -2.62 -18.34 -30.94
C PHE A 169 -3.61 -17.23 -30.60
N GLU A 170 -4.26 -17.23 -29.44
CA GLU A 170 -5.23 -16.16 -29.05
C GLU A 170 -4.52 -14.82 -28.86
N LEU A 171 -3.26 -14.87 -28.43
CA LEU A 171 -2.45 -13.65 -28.16
C LEU A 171 -1.97 -13.07 -29.47
N TYR A 172 -1.63 -13.95 -30.41
CA TYR A 172 -0.83 -13.56 -31.61
C TYR A 172 -1.62 -12.56 -32.45
N ASP A 173 -1.03 -11.38 -32.66
CA ASP A 173 -1.58 -10.30 -33.52
C ASP A 173 -2.85 -9.71 -32.90
N ASN A 174 -3.03 -9.78 -31.56
CA ASN A 174 -4.22 -9.26 -30.83
C ASN A 174 -3.79 -8.07 -29.94
N ALA A 175 -3.16 -7.06 -30.53
CA ALA A 175 -2.78 -5.80 -29.85
C ALA A 175 -4.00 -5.12 -29.27
N PRO A 176 -5.18 -5.10 -29.99
CA PRO A 176 -6.40 -4.50 -29.46
C PRO A 176 -6.99 -5.23 -28.25
N GLY A 177 -7.05 -6.56 -28.29
CA GLY A 177 -7.52 -7.40 -27.16
C GLY A 177 -6.64 -7.25 -25.92
N TYR A 178 -5.31 -7.08 -26.08
CA TYR A 178 -4.31 -7.38 -25.02
C TYR A 178 -3.29 -6.27 -24.87
N GLY A 179 -3.09 -5.43 -25.91
CA GLY A 179 -1.98 -4.44 -25.95
C GLY A 179 -0.70 -5.02 -26.56
N PRO A 180 0.33 -4.18 -26.74
CA PRO A 180 1.49 -4.55 -27.56
C PRO A 180 2.51 -5.45 -26.84
N ILE A 181 2.43 -5.59 -25.53
CA ILE A 181 3.44 -6.36 -24.75
C ILE A 181 2.98 -7.82 -24.69
N ILE A 182 1.79 -8.06 -24.19
CA ILE A 182 1.24 -9.44 -24.09
C ILE A 182 1.06 -10.05 -25.51
N SER A 183 0.57 -9.29 -26.50
CA SER A 183 0.33 -9.75 -27.88
C SER A 183 1.66 -10.12 -28.59
N SER A 184 2.84 -9.69 -28.10
CA SER A 184 4.14 -10.16 -28.67
C SER A 184 4.77 -11.25 -27.80
N LEU A 185 4.08 -11.82 -26.81
CA LEU A 185 4.68 -12.94 -26.03
C LEU A 185 4.95 -14.16 -26.92
N PRO A 186 4.13 -14.52 -27.93
CA PRO A 186 4.44 -15.69 -28.76
C PRO A 186 5.82 -15.56 -29.46
N GLN A 187 6.09 -14.40 -30.06
CA GLN A 187 7.41 -14.13 -30.69
C GLN A 187 8.53 -14.30 -29.62
N LEU A 188 8.34 -13.67 -28.45
CA LEU A 188 9.33 -13.66 -27.32
C LEU A 188 9.56 -15.06 -26.72
N LEU A 189 8.57 -15.96 -26.74
CA LEU A 189 8.72 -17.29 -26.10
C LEU A 189 9.19 -18.33 -27.12
N SER A 190 9.30 -17.99 -28.41
CA SER A 190 9.59 -18.96 -29.50
C SER A 190 11.04 -19.50 -29.38
N ARG A 191 11.96 -18.80 -28.69
CA ARG A 191 13.38 -19.29 -28.57
C ARG A 191 13.50 -20.46 -27.59
N PHE A 192 12.48 -20.76 -26.76
CA PHE A 192 12.60 -21.77 -25.68
C PHE A 192 12.31 -23.19 -26.22
N ASN A 193 12.97 -24.16 -25.61
CA ASN A 193 12.71 -25.60 -25.81
C ASN A 193 11.80 -26.05 -24.66
N PHE A 194 10.48 -26.03 -24.85
CA PHE A 194 9.53 -26.46 -23.80
C PHE A 194 9.52 -27.99 -23.76
N ILE A 195 9.61 -28.57 -22.55
CA ILE A 195 9.35 -30.01 -22.27
C ILE A 195 7.95 -30.08 -21.66
N TYR A 196 7.11 -31.00 -22.14
CA TYR A 196 5.68 -31.05 -21.76
C TYR A 196 5.56 -32.19 -20.79
N ASN A 197 5.68 -31.91 -19.49
CA ASN A 197 5.72 -32.97 -18.46
C ASN A 197 4.27 -33.42 -18.19
N SER B 1 24.65 17.96 6.13
CA SER B 1 24.64 17.37 7.51
C SER B 1 23.53 18.02 8.38
N MET B 2 22.43 18.47 7.76
CA MET B 2 21.10 18.65 8.42
C MET B 2 20.17 17.58 7.82
N LEU B 3 20.05 16.46 8.54
CA LEU B 3 19.25 15.28 8.12
C LEU B 3 17.81 15.38 8.65
N GLU B 4 17.44 16.48 9.33
CA GLU B 4 16.19 16.56 10.15
C GLU B 4 15.11 17.38 9.42
N ARG B 5 13.88 16.87 9.38
CA ARG B 5 12.70 17.56 8.81
C ARG B 5 12.42 18.79 9.67
N THR B 6 12.14 19.95 9.06
CA THR B 6 11.70 21.17 9.79
C THR B 6 10.18 21.22 9.85
N ILE B 7 9.64 21.47 11.05
CA ILE B 7 8.18 21.54 11.33
C ILE B 7 7.84 22.83 12.11
N ASN B 8 6.94 23.64 11.54
CA ASN B 8 6.42 24.90 12.17
C ASN B 8 5.40 24.51 13.25
N LEU B 9 5.61 24.97 14.49
CA LEU B 9 4.61 24.93 15.61
C LEU B 9 4.13 26.36 15.89
N TYR B 10 2.85 26.47 16.31
CA TYR B 10 2.19 27.73 16.73
C TYR B 10 1.56 27.54 18.11
N PRO B 11 1.41 28.64 18.88
CA PRO B 11 0.93 28.58 20.26
C PRO B 11 -0.50 28.05 20.35
N LEU B 12 -0.80 27.32 21.42
CA LEU B 12 -2.15 26.77 21.70
C LEU B 12 -3.21 27.86 21.51
N THR B 13 -2.94 29.10 21.95
CA THR B 13 -3.94 30.21 21.95
C THR B 13 -4.16 30.72 20.51
N ASN B 14 -3.39 30.25 19.53
CA ASN B 14 -3.69 30.52 18.10
C ASN B 14 -4.91 29.72 17.66
N TYR B 15 -5.31 28.68 18.41
CA TYR B 15 -6.39 27.76 17.96
C TYR B 15 -7.68 27.95 18.78
N THR B 16 -8.83 27.82 18.10
CA THR B 16 -10.19 27.98 18.68
C THR B 16 -10.79 26.58 18.83
N PHE B 17 -11.29 26.23 20.02
CA PHE B 17 -11.90 24.92 20.34
C PHE B 17 -13.42 25.07 20.52
N GLY B 18 -14.16 24.89 19.42
CA GLY B 18 -15.64 24.74 19.38
C GLY B 18 -16.09 23.33 19.76
N THR B 19 -17.42 23.13 19.78
CA THR B 19 -18.15 21.91 20.21
C THR B 19 -19.25 21.63 19.19
N LYS B 20 -19.51 20.35 18.90
CA LYS B 20 -20.59 19.87 17.99
C LYS B 20 -21.23 18.59 18.56
N GLU B 21 -22.12 17.95 17.79
CA GLU B 21 -22.97 16.83 18.30
C GLU B 21 -22.07 15.65 18.62
N PRO B 22 -22.45 14.80 19.60
CA PRO B 22 -21.58 13.72 20.04
C PRO B 22 -21.31 12.72 18.91
N LEU B 23 -20.13 12.10 18.93
CA LEU B 23 -19.70 11.06 17.97
C LEU B 23 -19.41 9.82 18.80
N TYR B 24 -20.07 8.71 18.48
CA TYR B 24 -20.07 7.46 19.28
C TYR B 24 -19.28 6.39 18.54
N GLU B 25 -18.54 5.59 19.32
CA GLU B 25 -17.71 4.45 18.87
C GLU B 25 -18.63 3.33 18.39
N LYS B 26 -18.56 2.94 17.10
CA LYS B 26 -19.47 2.01 16.37
C LYS B 26 -19.49 0.59 16.98
N ASP B 27 -18.54 0.22 17.85
CA ASP B 27 -18.57 -1.01 18.70
C ASP B 27 -19.15 -0.67 20.07
N SER B 28 -20.07 -1.48 20.58
CA SER B 28 -20.74 -1.27 21.89
C SER B 28 -19.96 -1.90 23.07
N SER B 29 -18.94 -2.73 22.80
CA SER B 29 -18.26 -3.57 23.84
C SER B 29 -16.89 -4.06 23.34
N VAL B 30 -15.98 -4.44 24.27
CA VAL B 30 -14.66 -5.09 23.98
C VAL B 30 -14.90 -6.38 23.17
N ALA B 31 -15.90 -7.17 23.54
CA ALA B 31 -16.24 -8.45 22.88
C ALA B 31 -16.81 -8.17 21.49
N ALA B 32 -17.78 -7.25 21.39
CA ALA B 32 -18.36 -6.76 20.11
C ALA B 32 -17.25 -6.20 19.20
N ARG B 33 -16.19 -5.64 19.80
CA ARG B 33 -15.02 -5.10 19.05
C ARG B 33 -14.36 -6.25 18.29
N PHE B 34 -13.83 -7.23 19.01
CA PHE B 34 -13.06 -8.37 18.43
C PHE B 34 -13.97 -9.28 17.60
N GLN B 35 -15.25 -9.38 17.92
CA GLN B 35 -16.21 -10.20 17.12
C GLN B 35 -16.46 -9.52 15.77
N ARG B 36 -16.60 -8.18 15.73
CA ARG B 36 -16.86 -7.45 14.45
C ARG B 36 -15.57 -7.49 13.63
N MET B 37 -14.42 -7.50 14.30
CA MET B 37 -13.09 -7.55 13.66
C MET B 37 -13.00 -8.88 12.88
N ARG B 38 -13.40 -9.99 13.51
CA ARG B 38 -13.44 -11.36 12.90
C ARG B 38 -14.39 -11.37 11.69
N GLU B 39 -15.65 -10.98 11.87
CA GLU B 39 -16.62 -10.84 10.75
C GLU B 39 -15.88 -10.21 9.56
N GLU B 40 -15.35 -9.00 9.76
CA GLU B 40 -14.76 -8.16 8.69
C GLU B 40 -13.47 -8.81 8.19
N PHE B 41 -12.69 -9.45 9.05
CA PHE B 41 -11.41 -10.05 8.61
C PHE B 41 -11.76 -11.11 7.56
N ASP B 42 -12.82 -11.90 7.78
CA ASP B 42 -13.26 -13.02 6.89
C ASP B 42 -13.83 -12.47 5.57
N LYS B 43 -14.42 -11.28 5.59
CA LYS B 43 -15.13 -10.66 4.42
C LYS B 43 -14.19 -9.71 3.66
N ILE B 44 -13.22 -9.03 4.30
CA ILE B 44 -12.25 -8.12 3.59
C ILE B 44 -10.79 -8.25 4.07
N GLY B 45 -10.48 -9.03 5.10
CA GLY B 45 -9.07 -9.18 5.56
C GLY B 45 -8.61 -8.03 6.43
N MET B 46 -7.31 -7.73 6.42
CA MET B 46 -6.62 -6.96 7.50
C MET B 46 -7.29 -5.59 7.72
N ARG B 47 -7.74 -5.28 8.92
CA ARG B 47 -8.17 -3.90 9.27
C ARG B 47 -6.98 -2.96 9.02
N ARG B 48 -7.18 -1.91 8.21
CA ARG B 48 -6.21 -0.82 8.00
C ARG B 48 -6.69 0.44 8.76
N THR B 49 -5.93 0.90 9.75
N THR B 49 -5.90 0.92 9.71
CA THR B 49 -6.24 2.11 10.57
CA THR B 49 -6.22 2.09 10.57
C THR B 49 -5.18 3.19 10.37
C THR B 49 -5.16 3.19 10.38
N VAL B 50 -5.59 4.44 10.55
CA VAL B 50 -4.72 5.63 10.36
C VAL B 50 -4.99 6.55 11.55
N GLU B 51 -3.96 7.19 12.05
CA GLU B 51 -4.11 8.12 13.20
C GLU B 51 -3.26 9.38 12.97
N GLY B 52 -3.74 10.52 13.44
CA GLY B 52 -2.97 11.76 13.30
C GLY B 52 -2.37 12.31 14.58
N VAL B 53 -1.20 12.91 14.44
CA VAL B 53 -0.41 13.55 15.52
C VAL B 53 -0.34 15.05 15.21
N LEU B 54 -1.14 15.83 15.95
CA LEU B 54 -1.23 17.30 15.80
C LEU B 54 -0.45 17.88 16.96
N ILE B 55 0.46 18.77 16.63
CA ILE B 55 1.34 19.40 17.64
C ILE B 55 1.15 20.92 17.62
N VAL B 56 1.25 21.50 18.82
CA VAL B 56 1.25 22.95 19.15
C VAL B 56 2.37 23.18 20.15
N HIS B 57 2.60 24.42 20.59
CA HIS B 57 3.50 24.69 21.74
C HIS B 57 2.84 25.61 22.74
N GLU B 58 3.22 25.50 24.01
N GLU B 58 3.29 25.51 23.99
CA GLU B 58 2.96 26.52 25.05
CA GLU B 58 3.10 26.51 25.08
C GLU B 58 4.19 26.57 25.96
C GLU B 58 4.44 26.64 25.80
N HIS B 59 4.92 27.68 25.90
N HIS B 59 4.94 27.87 25.96
CA HIS B 59 6.14 27.97 26.70
CA HIS B 59 6.22 28.18 26.66
C HIS B 59 7.38 27.37 26.02
C HIS B 59 7.38 27.40 26.02
N ARG B 60 7.38 27.31 24.69
CA ARG B 60 8.46 26.64 23.90
C ARG B 60 8.54 25.14 24.21
N LEU B 61 7.45 24.50 24.68
CA LEU B 61 7.37 23.03 24.91
C LEU B 61 6.36 22.41 23.92
N PRO B 62 6.76 21.38 23.14
CA PRO B 62 5.79 20.69 22.26
C PRO B 62 4.73 19.98 23.09
N HIS B 63 3.47 20.11 22.69
CA HIS B 63 2.32 19.37 23.28
C HIS B 63 1.58 18.67 22.15
N VAL B 64 1.06 17.45 22.39
CA VAL B 64 0.25 16.67 21.42
C VAL B 64 -1.23 16.88 21.73
N LEU B 65 -2.08 17.14 20.71
CA LEU B 65 -3.55 17.21 20.94
C LEU B 65 -4.10 15.78 21.08
N LEU B 66 -4.73 15.47 22.21
CA LEU B 66 -5.37 14.15 22.48
C LEU B 66 -6.87 14.35 22.70
N LEU B 67 -7.65 13.34 22.31
CA LEU B 67 -9.10 13.24 22.61
C LEU B 67 -9.27 12.48 23.92
N GLN B 68 -9.80 13.17 24.95
CA GLN B 68 -10.07 12.61 26.31
C GLN B 68 -11.53 12.16 26.40
N LEU B 69 -11.70 10.90 26.78
CA LEU B 69 -12.98 10.30 27.20
C LEU B 69 -12.94 10.03 28.71
N GLY B 70 -13.88 10.66 29.44
CA GLY B 70 -13.99 10.58 30.91
C GLY B 70 -12.79 11.25 31.57
N THR B 71 -12.22 10.57 32.57
CA THR B 71 -11.07 11.06 33.38
C THR B 71 -9.79 10.43 32.84
N THR B 72 -9.91 9.29 32.15
CA THR B 72 -8.86 8.26 32.09
C THR B 72 -8.62 7.67 30.68
N PHE B 73 -9.52 7.86 29.70
CA PHE B 73 -9.35 7.23 28.36
C PHE B 73 -8.96 8.30 27.33
N PHE B 74 -7.84 8.07 26.63
CA PHE B 74 -7.20 9.00 25.67
C PHE B 74 -6.91 8.28 24.35
N LYS B 75 -7.17 8.94 23.21
CA LYS B 75 -6.85 8.40 21.87
C LYS B 75 -6.51 9.53 20.89
N LEU B 76 -5.80 9.18 19.80
CA LEU B 76 -5.46 10.12 18.72
C LEU B 76 -6.64 10.17 17.76
N PRO B 77 -6.91 11.31 17.08
CA PRO B 77 -7.95 11.35 16.05
C PRO B 77 -7.60 10.48 14.84
N GLY B 78 -8.58 9.71 14.36
CA GLY B 78 -8.42 8.79 13.23
C GLY B 78 -9.53 7.75 13.25
N GLY B 79 -9.31 6.62 12.58
CA GLY B 79 -10.35 5.58 12.33
C GLY B 79 -9.98 4.63 11.20
N GLU B 80 -10.93 3.83 10.73
CA GLU B 80 -10.73 2.74 9.74
C GLU B 80 -10.78 3.30 8.31
N LEU B 81 -9.85 2.86 7.46
CA LEU B 81 -9.93 3.11 5.98
C LEU B 81 -11.07 2.27 5.39
N ASN B 82 -11.75 2.79 4.36
CA ASN B 82 -12.71 2.04 3.48
C ASN B 82 -11.89 1.14 2.56
N PRO B 83 -12.47 0.09 1.96
CA PRO B 83 -11.75 -0.76 0.99
C PRO B 83 -11.11 0.02 -0.18
N GLY B 84 -9.83 -0.21 -0.47
CA GLY B 84 -9.14 0.44 -1.61
C GLY B 84 -8.72 1.90 -1.36
N GLU B 85 -9.15 2.51 -0.26
CA GLU B 85 -8.99 3.98 0.00
C GLU B 85 -7.53 4.32 0.33
N ASP B 86 -7.00 5.36 -0.28
CA ASP B 86 -5.61 5.81 -0.01
C ASP B 86 -5.51 6.24 1.47
N GLU B 87 -4.41 5.83 2.14
CA GLU B 87 -4.00 6.16 3.53
C GLU B 87 -4.21 7.64 3.89
N VAL B 88 -3.71 8.56 3.06
CA VAL B 88 -3.57 10.02 3.37
C VAL B 88 -4.93 10.70 3.13
N GLU B 89 -5.64 10.30 2.08
CA GLU B 89 -6.98 10.89 1.80
C GLU B 89 -7.95 10.39 2.87
N GLY B 90 -7.78 9.14 3.26
CA GLY B 90 -8.53 8.53 4.38
C GLY B 90 -8.31 9.28 5.69
N LEU B 91 -7.06 9.56 6.08
CA LEU B 91 -6.80 10.29 7.38
C LEU B 91 -7.38 11.70 7.24
N LYS B 92 -7.20 12.37 6.09
CA LYS B 92 -7.83 13.67 5.79
C LYS B 92 -9.36 13.57 5.91
N ARG B 93 -10.01 12.54 5.35
CA ARG B 93 -11.49 12.40 5.49
C ARG B 93 -11.89 12.30 6.98
N LEU B 94 -11.22 11.48 7.78
CA LEU B 94 -11.53 11.21 9.20
C LEU B 94 -11.31 12.44 10.09
N MET B 95 -10.20 13.15 9.89
N MET B 95 -10.23 13.18 9.85
CA MET B 95 -9.87 14.40 10.62
CA MET B 95 -9.85 14.41 10.61
C MET B 95 -11.06 15.36 10.49
C MET B 95 -10.96 15.46 10.46
N THR B 96 -11.59 15.54 9.27
CA THR B 96 -12.75 16.42 8.99
C THR B 96 -14.00 15.91 9.74
N GLU B 97 -14.26 14.59 9.68
CA GLU B 97 -15.43 13.93 10.33
C GLU B 97 -15.40 14.17 11.84
N ILE B 98 -14.20 14.25 12.43
CA ILE B 98 -14.00 14.30 13.90
C ILE B 98 -13.89 15.76 14.37
N LEU B 99 -13.07 16.58 13.70
CA LEU B 99 -12.71 17.96 14.15
C LEU B 99 -13.22 19.03 13.17
N GLY B 100 -13.62 18.64 11.97
CA GLY B 100 -13.99 19.60 10.90
C GLY B 100 -15.29 20.33 11.20
N ARG B 101 -15.32 21.62 10.83
CA ARG B 101 -16.39 22.61 11.14
C ARG B 101 -17.71 22.19 10.47
N GLN B 102 -18.84 22.51 11.10
CA GLN B 102 -20.18 22.06 10.65
C GLN B 102 -21.08 23.28 10.42
N ASP B 103 -20.99 23.91 9.23
CA ASP B 103 -19.86 23.84 8.32
C ASP B 103 -19.80 25.22 7.66
N GLY B 104 -18.65 25.68 7.12
CA GLY B 104 -17.43 24.91 6.89
C GLY B 104 -16.58 25.58 5.82
N VAL B 105 -15.25 25.43 5.89
CA VAL B 105 -14.24 26.08 4.98
C VAL B 105 -14.22 25.38 3.61
N LEU B 106 -13.54 24.23 3.48
CA LEU B 106 -13.17 23.31 4.54
C LEU B 106 -11.65 23.35 4.80
N GLN B 107 -11.25 22.88 5.99
CA GLN B 107 -9.84 22.81 6.48
C GLN B 107 -9.04 21.88 5.56
N ASP B 108 -7.85 22.32 5.14
CA ASP B 108 -6.90 21.54 4.31
C ASP B 108 -5.73 21.12 5.21
N TRP B 109 -5.73 19.84 5.55
CA TRP B 109 -4.69 19.21 6.40
C TRP B 109 -3.45 19.02 5.53
N VAL B 110 -2.28 19.35 6.06
CA VAL B 110 -0.97 19.02 5.40
C VAL B 110 -0.42 17.79 6.10
N ILE B 111 -0.18 16.71 5.33
CA ILE B 111 0.24 15.37 5.85
C ILE B 111 1.34 14.83 4.93
N ASP B 112 2.61 14.86 5.39
CA ASP B 112 3.81 14.56 4.56
C ASP B 112 4.85 13.70 5.30
N ASP B 113 4.51 13.06 6.43
CA ASP B 113 5.51 12.34 7.26
C ASP B 113 4.86 11.16 7.97
N CYS B 114 5.34 9.95 7.71
CA CYS B 114 5.14 8.73 8.52
C CYS B 114 5.95 8.83 9.82
N ILE B 115 5.32 8.71 10.99
CA ILE B 115 5.93 8.62 12.36
C ILE B 115 6.24 7.16 12.71
N GLY B 116 5.35 6.21 12.33
CA GLY B 116 5.54 4.78 12.64
C GLY B 116 4.37 3.88 12.26
N ASN B 117 4.55 2.58 12.58
CA ASN B 117 3.62 1.47 12.25
C ASN B 117 3.42 0.54 13.47
N TRP B 118 2.19 0.09 13.69
CA TRP B 118 1.89 -0.95 14.71
C TRP B 118 1.01 -2.04 14.11
N TRP B 119 1.26 -3.29 14.51
CA TRP B 119 0.55 -4.50 14.02
C TRP B 119 -0.15 -5.24 15.19
N ARG B 120 -1.34 -5.78 14.96
CA ARG B 120 -2.06 -6.66 15.92
C ARG B 120 -2.01 -8.07 15.35
N PRO B 121 -1.21 -8.99 15.95
CA PRO B 121 -1.07 -10.33 15.38
C PRO B 121 -2.33 -11.20 15.53
N ASN B 122 -3.10 -11.03 16.60
CA ASN B 122 -4.32 -11.84 16.91
C ASN B 122 -5.56 -10.96 17.09
N PHE B 123 -6.70 -11.57 17.43
CA PHE B 123 -7.96 -10.87 17.79
C PHE B 123 -7.97 -10.65 19.30
N GLU B 124 -6.96 -9.91 19.80
CA GLU B 124 -6.71 -9.59 21.23
C GLU B 124 -6.08 -8.20 21.32
N PRO B 125 -6.09 -7.54 22.50
CA PRO B 125 -5.52 -6.19 22.64
C PRO B 125 -4.07 -5.98 22.17
N PRO B 126 -3.11 -6.91 22.37
CA PRO B 126 -1.68 -6.57 22.18
C PRO B 126 -1.34 -6.11 20.75
N GLN B 127 -0.54 -5.03 20.66
CA GLN B 127 0.03 -4.49 19.40
C GLN B 127 1.55 -4.29 19.53
N TYR B 128 2.28 -4.31 18.42
CA TYR B 128 3.77 -4.33 18.41
C TYR B 128 4.27 -3.40 17.32
N PRO B 129 5.41 -2.69 17.53
CA PRO B 129 5.98 -1.82 16.52
C PRO B 129 6.79 -2.59 15.49
N TYR B 130 6.30 -3.75 15.06
CA TYR B 130 7.02 -4.74 14.20
C TYR B 130 6.07 -5.91 13.90
N ILE B 131 6.25 -6.54 12.75
CA ILE B 131 5.45 -7.76 12.38
C ILE B 131 6.07 -8.93 13.13
N PRO B 132 5.32 -9.61 14.01
CA PRO B 132 5.92 -10.60 14.89
C PRO B 132 6.25 -11.87 14.09
N ALA B 133 7.26 -12.61 14.59
CA ALA B 133 7.85 -13.86 14.04
C ALA B 133 6.76 -14.83 13.56
N HIS B 134 6.89 -15.38 12.37
CA HIS B 134 5.97 -16.39 11.79
C HIS B 134 4.52 -15.85 11.72
N ILE B 135 4.27 -14.56 11.88
CA ILE B 135 2.87 -14.06 11.71
C ILE B 135 2.73 -13.51 10.29
N THR B 136 1.94 -14.19 9.46
CA THR B 136 1.78 -13.88 8.02
C THR B 136 0.42 -13.23 7.77
N LYS B 137 -0.58 -13.50 8.62
CA LYS B 137 -1.94 -12.91 8.50
C LYS B 137 -2.19 -11.97 9.68
N PRO B 138 -1.41 -10.90 9.91
CA PRO B 138 -1.72 -9.95 10.98
C PRO B 138 -3.15 -9.40 10.76
N LYS B 139 -3.87 -9.13 11.84
CA LYS B 139 -5.32 -8.83 11.82
C LYS B 139 -5.59 -7.33 11.69
N GLU B 140 -4.71 -6.45 12.19
CA GLU B 140 -4.82 -4.96 12.04
C GLU B 140 -3.43 -4.38 11.79
N HIS B 141 -3.32 -3.48 10.82
CA HIS B 141 -2.15 -2.58 10.59
C HIS B 141 -2.53 -1.11 10.84
N LYS B 142 -1.88 -0.48 11.82
CA LYS B 142 -2.11 0.93 12.25
C LYS B 142 -0.95 1.80 11.74
N LYS B 143 -1.26 2.89 11.01
CA LYS B 143 -0.24 3.88 10.54
C LYS B 143 -0.47 5.25 11.20
N LEU B 144 0.60 5.85 11.71
CA LEU B 144 0.62 7.17 12.42
C LEU B 144 1.25 8.20 11.48
N PHE B 145 0.61 9.36 11.34
CA PHE B 145 1.13 10.49 10.53
C PHE B 145 1.25 11.78 11.39
N LEU B 146 2.24 12.61 11.07
CA LEU B 146 2.36 14.01 11.58
C LEU B 146 1.59 14.97 10.66
N VAL B 147 0.56 15.57 11.24
CA VAL B 147 -0.39 16.50 10.58
C VAL B 147 0.15 17.90 10.90
N GLN B 148 0.67 18.62 9.92
CA GLN B 148 1.18 20.01 10.12
C GLN B 148 -0.04 20.93 10.18
N LEU B 149 -0.08 21.83 11.17
CA LEU B 149 -1.26 22.74 11.35
C LEU B 149 -0.94 24.08 10.69
N GLN B 150 -1.99 24.77 10.21
CA GLN B 150 -2.00 26.21 9.86
C GLN B 150 -1.63 27.04 11.10
N GLU B 151 -1.24 28.29 10.89
CA GLU B 151 -0.86 29.22 11.99
C GLU B 151 -2.07 29.46 12.90
N LYS B 152 -3.28 29.51 12.34
CA LYS B 152 -4.58 29.64 13.05
C LYS B 152 -5.59 28.62 12.49
N ALA B 153 -6.43 28.03 13.35
CA ALA B 153 -7.53 27.12 12.94
C ALA B 153 -8.68 27.06 13.96
N LEU B 154 -9.83 26.60 13.50
CA LEU B 154 -11.06 26.39 14.31
C LEU B 154 -11.38 24.90 14.28
N PHE B 155 -11.42 24.22 15.43
CA PHE B 155 -11.75 22.78 15.52
C PHE B 155 -13.06 22.62 16.26
N ALA B 156 -13.95 21.82 15.70
CA ALA B 156 -15.27 21.50 16.30
C ALA B 156 -15.17 20.13 16.98
N VAL B 157 -15.14 20.10 18.30
CA VAL B 157 -14.93 18.86 19.09
C VAL B 157 -16.29 18.28 19.42
N PRO B 158 -16.56 16.98 19.12
CA PRO B 158 -17.84 16.40 19.50
C PRO B 158 -17.96 16.44 21.03
N LYS B 159 -19.16 16.80 21.48
CA LYS B 159 -19.56 17.18 22.85
C LYS B 159 -19.12 16.12 23.88
N ASN B 160 -19.16 14.82 23.56
CA ASN B 160 -18.79 13.75 24.54
C ASN B 160 -17.26 13.71 24.74
N TYR B 161 -16.47 14.40 23.92
CA TYR B 161 -15.00 14.47 24.12
C TYR B 161 -14.54 15.87 24.53
N LYS B 162 -13.37 15.93 25.19
CA LYS B 162 -12.55 17.15 25.33
C LYS B 162 -11.20 16.91 24.61
N LEU B 163 -10.74 17.90 23.84
CA LEU B 163 -9.40 17.91 23.20
C LEU B 163 -8.39 18.51 24.18
N VAL B 164 -7.34 17.78 24.56
CA VAL B 164 -6.34 18.30 25.54
C VAL B 164 -4.98 18.38 24.87
N ALA B 165 -4.17 19.36 25.31
CA ALA B 165 -2.77 19.55 24.89
C ALA B 165 -1.85 18.94 25.95
N ALA B 166 -1.28 17.78 25.65
CA ALA B 166 -0.45 17.02 26.60
C ALA B 166 0.97 17.41 26.31
N PRO B 167 1.73 17.89 27.30
CA PRO B 167 3.18 18.03 27.10
C PRO B 167 3.83 16.67 26.94
N LEU B 168 4.94 16.59 26.19
CA LEU B 168 5.74 15.34 25.96
C LEU B 168 6.16 14.68 27.27
N PHE B 169 6.63 15.44 28.27
CA PHE B 169 7.27 14.84 29.46
C PHE B 169 6.25 14.01 30.23
N GLU B 170 4.96 14.37 30.14
CA GLU B 170 3.83 13.66 30.78
C GLU B 170 3.66 12.28 30.13
N LEU B 171 3.84 12.20 28.81
CA LEU B 171 3.55 10.97 28.02
C LEU B 171 4.67 9.96 28.25
N TYR B 172 5.90 10.46 28.35
CA TYR B 172 7.10 9.63 28.64
C TYR B 172 7.12 9.27 30.12
N ASP B 173 7.68 8.12 30.48
CA ASP B 173 7.31 6.82 29.95
C ASP B 173 6.13 6.38 30.84
N ASN B 174 4.91 6.64 30.37
CA ASN B 174 3.67 6.72 31.19
C ASN B 174 2.70 5.82 30.44
N ALA B 175 3.21 4.67 30.04
CA ALA B 175 2.45 3.60 29.36
C ALA B 175 1.22 3.31 30.21
N PRO B 176 1.36 3.19 31.56
CA PRO B 176 0.21 2.85 32.39
C PRO B 176 -0.85 3.93 32.17
N GLY B 177 -0.44 5.21 32.07
CA GLY B 177 -1.34 6.33 31.76
C GLY B 177 -1.89 6.24 30.33
N TYR B 178 -1.05 6.03 29.31
CA TYR B 178 -1.43 6.39 27.93
C TYR B 178 -1.38 5.22 26.94
N GLY B 179 -1.01 4.02 27.38
CA GLY B 179 -0.82 2.90 26.45
C GLY B 179 0.54 2.96 25.75
N PRO B 180 0.95 1.88 25.03
CA PRO B 180 2.26 1.81 24.39
C PRO B 180 2.46 2.67 23.12
N ILE B 181 1.35 3.10 22.51
CA ILE B 181 1.44 3.95 21.30
C ILE B 181 1.63 5.44 21.68
N ILE B 182 0.68 6.04 22.37
CA ILE B 182 0.77 7.46 22.81
C ILE B 182 2.04 7.69 23.61
N SER B 183 2.42 6.79 24.51
CA SER B 183 3.55 7.04 25.44
C SER B 183 4.90 6.90 24.71
N SER B 184 4.94 6.42 23.46
CA SER B 184 6.21 6.39 22.66
C SER B 184 6.24 7.53 21.63
N LEU B 185 5.29 8.44 21.66
CA LEU B 185 5.32 9.59 20.72
C LEU B 185 6.52 10.50 20.97
N PRO B 186 7.05 10.67 22.20
CA PRO B 186 8.24 11.51 22.36
C PRO B 186 9.49 10.96 21.62
N GLN B 187 9.87 9.71 21.87
CA GLN B 187 10.97 9.05 21.11
C GLN B 187 10.77 9.31 19.61
N LEU B 188 9.54 9.20 19.11
CA LEU B 188 9.18 9.21 17.65
C LEU B 188 9.23 10.64 17.11
N LEU B 189 8.99 11.66 17.97
CA LEU B 189 8.99 13.06 17.53
C LEU B 189 10.40 13.63 17.70
N SER B 190 11.32 12.91 18.33
CA SER B 190 12.64 13.49 18.70
C SER B 190 13.45 13.85 17.44
N ARG B 191 13.25 13.18 16.32
CA ARG B 191 14.03 13.43 15.07
C ARG B 191 13.69 14.80 14.43
N PHE B 192 12.60 15.44 14.82
CA PHE B 192 12.07 16.68 14.19
C PHE B 192 12.76 17.93 14.78
N ASN B 193 13.08 18.84 13.88
CA ASN B 193 13.55 20.23 14.18
C ASN B 193 12.27 21.09 14.30
N PHE B 194 11.79 21.30 15.52
CA PHE B 194 10.60 22.12 15.82
C PHE B 194 10.99 23.61 15.83
N ILE B 195 10.13 24.46 15.24
CA ILE B 195 10.30 25.93 15.16
C ILE B 195 9.14 26.53 15.94
N TYR B 196 9.44 27.30 16.98
CA TYR B 196 8.46 27.87 17.95
C TYR B 196 8.10 29.28 17.47
N ASN B 197 7.00 29.39 16.74
CA ASN B 197 6.49 30.64 16.14
C ASN B 197 5.69 31.42 17.19
ZN ZN C . 16.51 2.27 -18.92
ZN ZN D . -3.37 -34.46 -23.32
C ACT E . 12.86 -25.68 -30.64
O ACT E . 12.14 -24.81 -30.07
OXT ACT E . 13.76 -26.32 -30.03
CH3 ACT E . 12.63 -25.99 -32.14
C ACT F . -6.03 -12.54 -33.29
O ACT F . -5.71 -11.40 -32.86
OXT ACT F . -5.69 -13.63 -32.74
CH3 ACT F . -6.90 -12.58 -34.56
N1 K0Y G . -0.11 -7.48 -11.24
C4 K0Y G . -0.28 -6.17 -11.18
C5 K0Y G . -1.33 -5.86 -10.29
C6 K0Y G . -1.78 -7.03 -9.84
C7 K0Y G . -2.85 -7.44 -8.89
N K0Y G . 1.19 -5.68 -13.02
C K0Y G . -0.25 -4.20 -16.53
O K0Y G . 0.40 -4.78 -15.37
C1 K0Y G . 1.39 -4.06 -14.83
C2 K0Y G . 2.09 -4.84 -13.75
C3 K0Y G . 0.56 -5.22 -11.93
O1 K0Y G . 1.68 -2.94 -15.17
O2 K0Y G . 0.71 -4.05 -11.54
O3 K0Y G . -1.07 -8.03 -10.39
ZN ZN H . 1.69 22.91 28.98
ZN ZN I . 11.08 -19.06 14.15
ZN ZN J . 7.41 -22.58 9.59
ZN ZN K . 1.29 -4.65 7.17
C ACT L . 8.85 11.81 32.76
O ACT L . 8.62 12.99 33.09
OXT ACT L . 7.97 10.97 32.47
CH3 ACT L . 10.29 11.34 32.73
N1 K0Y M . -10.80 9.47 16.95
C4 K0Y M . -11.30 8.27 17.08
C5 K0Y M . -12.67 8.33 17.44
C6 K0Y M . -12.96 9.64 17.51
C7 K0Y M . -14.19 10.42 17.80
N K0Y M . -9.25 7.12 17.43
C K0Y M . -7.95 3.99 15.31
O K0Y M . -8.41 5.07 16.17
C1 K0Y M . -8.51 4.80 17.46
C2 K0Y M . -8.75 6.06 18.25
C3 K0Y M . -10.49 7.06 16.91
O1 K0Y M . -8.43 3.71 17.94
O2 K0Y M . -10.96 6.02 16.43
O3 K0Y M . -11.85 10.36 17.21
#